data_1UDI
#
_entry.id   1UDI
#
_cell.length_a   144.120
_cell.length_b   144.120
_cell.length_c   40.950
_cell.angle_alpha   90.00
_cell.angle_beta   90.00
_cell.angle_gamma   120.00
#
_symmetry.space_group_name_H-M   'P 65'
#
loop_
_entity.id
_entity.type
_entity.pdbx_description
1 polymer 'URACIL-DNA GLYCOSYLASE'
2 polymer 'URACIL-DNA GLYCOSYLASE INHIBITOR PROTEIN'
3 water water
#
loop_
_entity_poly.entity_id
_entity_poly.type
_entity_poly.pdbx_seq_one_letter_code
_entity_poly.pdbx_strand_id
1 'polypeptide(L)'
;MDLTNGGVSPAATSAPLDWTTFRRVFLIDDAWRPLMEPELANPLTAHLLAEYNRRCQTEEVLPPREDVFSWTRYCTPDEV
RVVIIGQDPYHHPGQAHGLAFSVRANVPPPPSLRNVLAAVKNCYPEARMSGHGCLEKWARDGVLLLNTTLTVKRGAAASH
SRIGWDRFVGGVIRRLAARRPGLVFMLWGTHAQNAIRPDPRVHCVLKFSHPSPLSKVPFGTCQHFLVANRYLETRSISPI
DWSV
;
E
2 'polypeptide(L)'
;TNLSDIIEKETGKQLVIQESILMLPEEVEEVIGNKPESDILVHTAYDESTDENVMLLTSDAPEYKPWALVIQDSNGENKI
KML
;
I
#
# COMPACT_ATOMS: atom_id res chain seq x y z
N ASP A 18 -20.99 19.92 -8.78
CA ASP A 18 -19.75 19.09 -8.96
C ASP A 18 -19.22 18.50 -7.65
N TRP A 19 -18.99 19.33 -6.62
CA TRP A 19 -18.55 18.76 -5.35
C TRP A 19 -19.71 17.97 -4.74
N THR A 20 -20.92 18.47 -4.90
CA THR A 20 -22.09 17.81 -4.35
C THR A 20 -22.36 16.49 -5.09
N THR A 21 -22.01 16.46 -6.38
CA THR A 21 -22.22 15.26 -7.19
C THR A 21 -21.08 14.26 -6.99
N PHE A 22 -19.85 14.78 -6.96
CA PHE A 22 -18.65 13.99 -6.74
C PHE A 22 -18.80 13.32 -5.37
N ARG A 23 -19.11 14.13 -4.38
CA ARG A 23 -19.29 13.67 -3.02
C ARG A 23 -20.41 12.66 -2.97
N ARG A 24 -21.38 12.84 -3.87
CA ARG A 24 -22.52 11.93 -3.93
C ARG A 24 -22.02 10.56 -4.37
N VAL A 25 -21.59 10.46 -5.61
CA VAL A 25 -21.06 9.22 -6.22
C VAL A 25 -20.14 8.40 -5.35
N PHE A 26 -19.18 9.09 -4.72
CA PHE A 26 -18.20 8.41 -3.93
C PHE A 26 -18.46 8.35 -2.47
N LEU A 27 -19.51 9.00 -2.01
CA LEU A 27 -19.83 8.94 -0.58
C LEU A 27 -18.67 9.49 0.23
N ILE A 28 -18.07 10.58 -0.24
CA ILE A 28 -16.95 11.23 0.41
C ILE A 28 -17.42 12.06 1.60
N ASP A 29 -16.71 12.03 2.70
CA ASP A 29 -17.09 12.85 3.85
C ASP A 29 -16.75 14.34 3.58
N ASP A 30 -17.60 15.25 4.02
CA ASP A 30 -17.40 16.69 3.79
C ASP A 30 -16.22 17.43 4.38
N ALA A 31 -15.70 16.92 5.48
CA ALA A 31 -14.55 17.50 6.15
C ALA A 31 -13.41 17.66 5.15
N TRP A 32 -13.35 16.75 4.16
CA TRP A 32 -12.33 16.74 3.13
C TRP A 32 -12.58 17.65 1.94
N ARG A 33 -13.70 18.37 1.95
CA ARG A 33 -14.00 19.25 0.82
C ARG A 33 -12.89 20.23 0.40
N PRO A 34 -12.33 21.03 1.35
CA PRO A 34 -11.28 21.99 1.03
C PRO A 34 -10.03 21.49 0.38
N LEU A 35 -9.68 20.21 0.62
CA LEU A 35 -8.46 19.63 0.05
C LEU A 35 -8.72 18.94 -1.28
N MET A 36 -9.94 18.46 -1.44
CA MET A 36 -10.29 17.76 -2.65
C MET A 36 -10.91 18.63 -3.72
N GLU A 37 -11.84 19.49 -3.31
CA GLU A 37 -12.56 20.37 -4.24
C GLU A 37 -11.67 21.11 -5.24
N PRO A 38 -10.57 21.68 -4.76
CA PRO A 38 -9.71 22.40 -5.71
C PRO A 38 -9.20 21.56 -6.89
N GLU A 39 -9.21 20.23 -6.73
CA GLU A 39 -8.72 19.30 -7.76
C GLU A 39 -9.68 18.99 -8.90
N LEU A 40 -10.99 19.06 -8.64
CA LEU A 40 -11.98 18.78 -9.68
C LEU A 40 -11.80 19.71 -10.86
N ALA A 41 -11.54 20.98 -10.54
CA ALA A 41 -11.37 22.02 -11.53
C ALA A 41 -10.18 21.76 -12.45
N ASN A 42 -9.39 20.72 -12.17
CA ASN A 42 -8.25 20.41 -13.02
C ASN A 42 -8.80 19.58 -14.21
N PRO A 43 -8.44 19.96 -15.44
CA PRO A 43 -8.97 19.18 -16.56
C PRO A 43 -8.50 17.71 -16.52
N LEU A 44 -7.35 17.47 -15.89
CA LEU A 44 -6.83 16.11 -15.80
C LEU A 44 -7.61 15.25 -14.85
N THR A 45 -8.38 15.88 -13.97
CA THR A 45 -9.19 15.17 -13.02
C THR A 45 -10.45 14.68 -13.70
N ALA A 46 -11.06 15.55 -14.50
CA ALA A 46 -12.27 15.22 -15.25
C ALA A 46 -12.02 13.98 -16.10
N HIS A 47 -10.87 13.95 -16.76
CA HIS A 47 -10.53 12.83 -17.61
C HIS A 47 -10.27 11.57 -16.79
N LEU A 48 -9.71 11.73 -15.59
CA LEU A 48 -9.44 10.61 -14.68
C LEU A 48 -10.78 9.97 -14.33
N LEU A 49 -11.75 10.79 -13.92
CA LEU A 49 -13.06 10.27 -13.57
C LEU A 49 -13.69 9.61 -14.80
N ALA A 50 -13.43 10.16 -15.97
CA ALA A 50 -14.00 9.60 -17.19
C ALA A 50 -13.44 8.22 -17.42
N GLU A 51 -12.13 8.09 -17.30
CA GLU A 51 -11.44 6.85 -17.51
C GLU A 51 -11.86 5.80 -16.47
N TYR A 52 -12.18 6.25 -15.27
CA TYR A 52 -12.62 5.37 -14.21
C TYR A 52 -13.98 4.79 -14.60
N ASN A 53 -14.91 5.65 -14.96
CA ASN A 53 -16.27 5.24 -15.34
C ASN A 53 -16.38 4.37 -16.63
N ARG A 54 -15.52 4.61 -17.61
CA ARG A 54 -15.50 3.82 -18.82
C ARG A 54 -15.02 2.41 -18.45
N ARG A 55 -14.17 2.33 -17.43
CA ARG A 55 -13.63 1.06 -17.00
C ARG A 55 -14.56 0.16 -16.20
N CYS A 56 -15.35 0.73 -15.31
CA CYS A 56 -16.28 -0.06 -14.52
C CYS A 56 -17.33 -0.77 -15.39
N GLN A 57 -17.44 -0.35 -16.65
CA GLN A 57 -18.40 -0.89 -17.59
C GLN A 57 -17.94 -2.17 -18.27
N THR A 58 -16.63 -2.37 -18.36
CA THR A 58 -16.11 -3.57 -19.00
C THR A 58 -15.13 -4.35 -18.14
N GLU A 59 -14.95 -3.92 -16.90
CA GLU A 59 -14.07 -4.63 -16.00
C GLU A 59 -14.50 -4.56 -14.58
N GLU A 60 -14.19 -5.62 -13.85
CA GLU A 60 -14.51 -5.69 -12.44
C GLU A 60 -13.44 -4.86 -11.70
N VAL A 61 -13.87 -3.75 -11.13
CA VAL A 61 -12.98 -2.84 -10.45
C VAL A 61 -13.10 -2.93 -8.95
N LEU A 62 -11.95 -2.98 -8.31
CA LEU A 62 -11.81 -3.09 -6.89
C LEU A 62 -11.03 -1.85 -6.40
N PRO A 63 -11.38 -1.34 -5.23
CA PRO A 63 -12.45 -1.93 -4.43
C PRO A 63 -13.79 -1.33 -4.88
N PRO A 64 -14.91 -1.79 -4.32
CA PRO A 64 -16.22 -1.27 -4.69
C PRO A 64 -16.24 0.24 -4.58
N ARG A 65 -17.05 0.86 -5.44
CA ARG A 65 -17.20 2.31 -5.50
C ARG A 65 -17.38 2.95 -4.12
N GLU A 66 -18.16 2.32 -3.23
CA GLU A 66 -18.40 2.88 -1.89
C GLU A 66 -17.15 2.87 -1.02
N ASP A 67 -16.21 1.99 -1.32
CA ASP A 67 -15.00 1.92 -0.55
C ASP A 67 -13.83 2.74 -1.10
N VAL A 68 -13.83 3.08 -2.38
CA VAL A 68 -12.73 3.84 -2.97
C VAL A 68 -12.23 5.04 -2.13
N PHE A 69 -13.13 5.71 -1.41
CA PHE A 69 -12.73 6.86 -0.59
C PHE A 69 -13.09 6.67 0.87
N SER A 70 -13.03 5.43 1.38
CA SER A 70 -13.37 5.24 2.78
C SER A 70 -12.34 5.86 3.72
N TRP A 71 -11.19 6.26 3.16
CA TRP A 71 -10.15 6.89 3.98
C TRP A 71 -10.53 8.28 4.43
N THR A 72 -11.47 8.90 3.72
CA THR A 72 -11.95 10.24 4.06
C THR A 72 -12.97 10.20 5.17
N ARG A 73 -13.37 8.99 5.54
CA ARG A 73 -14.41 8.80 6.52
C ARG A 73 -14.05 8.47 7.94
N TYR A 74 -12.82 8.04 8.23
CA TYR A 74 -12.49 7.69 9.61
C TYR A 74 -12.02 8.81 10.51
N CYS A 75 -11.45 9.86 9.91
CA CYS A 75 -10.99 11.02 10.68
C CYS A 75 -10.94 12.23 9.75
N THR A 76 -10.95 13.42 10.32
CA THR A 76 -10.90 14.64 9.52
C THR A 76 -9.45 15.01 9.16
N PRO A 77 -9.23 15.88 8.15
CA PRO A 77 -7.87 16.26 7.77
C PRO A 77 -7.06 16.84 8.95
N ASP A 78 -7.76 17.40 9.92
CA ASP A 78 -7.12 18.02 11.06
C ASP A 78 -6.79 17.06 12.12
N GLU A 79 -7.48 15.94 12.14
CA GLU A 79 -7.22 14.89 13.11
C GLU A 79 -6.00 14.03 12.70
N VAL A 80 -5.57 14.13 11.45
CA VAL A 80 -4.48 13.30 10.92
C VAL A 80 -3.14 13.52 11.66
N ARG A 81 -2.45 12.42 11.99
CA ARG A 81 -1.17 12.48 12.69
C ARG A 81 -0.04 11.76 11.93
N VAL A 82 -0.39 10.64 11.30
CA VAL A 82 0.58 9.86 10.55
C VAL A 82 0.02 9.53 9.17
N VAL A 83 0.84 9.58 8.13
CA VAL A 83 0.37 9.27 6.79
C VAL A 83 1.22 8.12 6.29
N ILE A 84 0.61 6.98 6.00
CA ILE A 84 1.36 5.85 5.47
C ILE A 84 0.89 5.69 4.02
N ILE A 85 1.85 5.64 3.07
CA ILE A 85 1.57 5.52 1.64
C ILE A 85 1.69 4.09 1.09
N GLY A 86 0.79 3.74 0.18
CA GLY A 86 0.81 2.43 -0.43
C GLY A 86 0.80 2.60 -1.93
N GLN A 87 0.76 1.52 -2.68
CA GLN A 87 0.73 1.59 -4.14
C GLN A 87 -0.73 1.41 -4.60
N ASP A 88 -1.09 0.25 -5.14
CA ASP A 88 -2.47 0.01 -5.58
C ASP A 88 -3.19 -0.97 -4.68
N PRO A 89 -4.53 -1.01 -4.76
CA PRO A 89 -5.21 -1.94 -3.87
C PRO A 89 -5.03 -3.40 -4.25
N TYR A 90 -5.19 -4.26 -3.24
CA TYR A 90 -5.10 -5.71 -3.36
C TYR A 90 -6.11 -6.03 -4.45
N HIS A 91 -5.73 -6.95 -5.35
CA HIS A 91 -6.55 -7.28 -6.50
C HIS A 91 -7.40 -8.51 -6.46
N HIS A 92 -7.46 -9.20 -5.32
CA HIS A 92 -8.34 -10.36 -5.22
C HIS A 92 -9.54 -9.81 -4.48
N PRO A 93 -10.74 -10.13 -4.95
CA PRO A 93 -11.98 -9.66 -4.32
C PRO A 93 -12.07 -9.99 -2.85
N GLY A 94 -12.62 -9.07 -2.07
CA GLY A 94 -12.75 -9.29 -0.64
C GLY A 94 -11.62 -8.76 0.19
N GLN A 95 -10.44 -8.62 -0.41
CA GLN A 95 -9.28 -8.10 0.31
C GLN A 95 -9.37 -6.64 0.66
N ALA A 96 -9.30 -5.79 -0.36
CA ALA A 96 -9.29 -4.34 -0.22
C ALA A 96 -10.59 -3.67 0.16
N HIS A 97 -10.45 -2.64 0.99
CA HIS A 97 -11.58 -1.89 1.44
C HIS A 97 -11.33 -0.39 1.43
N GLY A 98 -10.29 0.04 0.70
CA GLY A 98 -10.02 1.48 0.61
C GLY A 98 -8.86 2.08 1.37
N LEU A 99 -8.22 1.29 2.22
CA LEU A 99 -7.09 1.76 3.02
C LEU A 99 -5.84 1.05 2.52
N ALA A 100 -4.69 1.69 2.64
CA ALA A 100 -3.43 1.07 2.24
C ALA A 100 -3.20 -0.04 3.27
N PHE A 101 -2.57 -1.12 2.80
CA PHE A 101 -2.20 -2.31 3.58
C PHE A 101 -3.30 -3.09 4.31
N SER A 102 -4.37 -2.40 4.67
CA SER A 102 -5.50 -2.98 5.38
C SER A 102 -6.29 -4.00 4.54
N VAL A 103 -6.77 -5.05 5.22
CA VAL A 103 -7.60 -6.07 4.58
C VAL A 103 -8.84 -6.16 5.48
N ARG A 104 -9.98 -6.49 4.89
CA ARG A 104 -11.21 -6.66 5.65
C ARG A 104 -10.92 -7.70 6.73
N ALA A 105 -11.65 -7.67 7.84
CA ALA A 105 -11.38 -8.60 8.96
C ALA A 105 -11.55 -10.10 8.74
N ASN A 106 -12.24 -10.48 7.67
CA ASN A 106 -12.45 -11.89 7.39
C ASN A 106 -11.51 -12.42 6.30
N VAL A 107 -10.34 -11.80 6.21
CA VAL A 107 -9.32 -12.14 5.23
C VAL A 107 -7.96 -12.27 5.94
N PRO A 108 -7.16 -13.27 5.58
CA PRO A 108 -5.84 -13.47 6.20
C PRO A 108 -4.92 -12.31 5.79
N PRO A 109 -4.14 -11.75 6.73
CA PRO A 109 -3.23 -10.65 6.43
C PRO A 109 -2.21 -11.07 5.39
N PRO A 110 -2.06 -10.30 4.30
CA PRO A 110 -1.08 -10.69 3.28
C PRO A 110 0.37 -10.61 3.85
N PRO A 111 1.37 -11.17 3.13
CA PRO A 111 2.77 -11.16 3.59
C PRO A 111 3.35 -9.81 4.06
N SER A 112 3.14 -8.73 3.29
CA SER A 112 3.66 -7.41 3.68
C SER A 112 2.99 -6.93 4.98
N LEU A 113 1.68 -7.15 5.11
CA LEU A 113 0.96 -6.75 6.32
C LEU A 113 1.48 -7.51 7.55
N ARG A 114 1.73 -8.82 7.42
CA ARG A 114 2.26 -9.61 8.53
C ARG A 114 3.58 -9.02 9.01
N ASN A 115 4.38 -8.49 8.09
CA ASN A 115 5.65 -7.88 8.49
C ASN A 115 5.43 -6.53 9.18
N VAL A 116 4.47 -5.74 8.68
CA VAL A 116 4.15 -4.45 9.28
C VAL A 116 3.70 -4.75 10.73
N LEU A 117 2.79 -5.70 10.88
CA LEU A 117 2.27 -6.06 12.18
C LEU A 117 3.37 -6.67 13.03
N ALA A 118 4.39 -7.24 12.39
CA ALA A 118 5.50 -7.82 13.11
C ALA A 118 6.36 -6.69 13.68
N ALA A 119 6.67 -5.67 12.86
CA ALA A 119 7.47 -4.51 13.28
C ALA A 119 6.81 -3.76 14.41
N VAL A 120 5.48 -3.81 14.49
CA VAL A 120 4.73 -3.12 15.56
C VAL A 120 4.94 -3.83 16.90
N LYS A 121 4.77 -5.14 16.92
CA LYS A 121 4.92 -5.88 18.15
C LYS A 121 6.36 -5.76 18.69
N ASN A 122 7.34 -5.66 17.81
CA ASN A 122 8.75 -5.53 18.23
C ASN A 122 9.01 -4.23 18.95
N CYS A 123 8.44 -3.13 18.44
CA CYS A 123 8.60 -1.81 19.04
C CYS A 123 7.82 -1.77 20.34
N TYR A 124 6.62 -2.33 20.31
CA TYR A 124 5.69 -2.36 21.43
C TYR A 124 5.29 -3.79 21.77
N PRO A 125 6.17 -4.48 22.51
CA PRO A 125 5.95 -5.87 22.92
C PRO A 125 4.85 -6.00 23.96
N GLU A 126 4.49 -4.86 24.54
CA GLU A 126 3.47 -4.80 25.57
C GLU A 126 2.10 -4.82 24.89
N ALA A 127 2.12 -4.86 23.55
CA ALA A 127 0.91 -4.83 22.73
C ALA A 127 0.16 -6.17 22.57
N ARG A 128 -1.16 -6.13 22.73
CA ARG A 128 -1.98 -7.32 22.55
C ARG A 128 -2.62 -7.24 21.14
N MET A 129 -1.97 -7.89 20.17
CA MET A 129 -2.42 -7.90 18.77
C MET A 129 -3.53 -8.92 18.56
N SER A 130 -4.49 -8.62 17.69
CA SER A 130 -5.61 -9.54 17.47
C SER A 130 -5.30 -10.65 16.51
N GLY A 131 -4.16 -10.55 15.85
CA GLY A 131 -3.81 -11.55 14.87
C GLY A 131 -4.47 -11.21 13.55
N HIS A 132 -5.36 -10.22 13.56
CA HIS A 132 -6.08 -9.76 12.36
C HIS A 132 -5.39 -8.61 11.63
N GLY A 133 -5.86 -8.33 10.42
CA GLY A 133 -5.26 -7.29 9.61
C GLY A 133 -6.10 -6.10 9.20
N CYS A 134 -7.21 -5.85 9.89
CA CYS A 134 -8.07 -4.71 9.56
C CYS A 134 -7.57 -3.50 10.35
N LEU A 135 -7.04 -2.54 9.62
CA LEU A 135 -6.45 -1.37 10.23
C LEU A 135 -7.40 -0.20 10.49
N GLU A 136 -8.71 -0.44 10.50
CA GLU A 136 -9.56 0.69 10.72
C GLU A 136 -9.46 1.34 12.08
N LYS A 137 -8.84 0.65 13.04
CA LYS A 137 -8.66 1.20 14.38
C LYS A 137 -7.68 2.39 14.34
N TRP A 138 -6.61 2.21 13.56
CA TRP A 138 -5.57 3.19 13.35
C TRP A 138 -6.09 4.44 12.62
N ALA A 139 -6.90 4.20 11.58
CA ALA A 139 -7.51 5.25 10.75
C ALA A 139 -8.30 6.18 11.63
N ARG A 140 -9.04 5.60 12.56
CA ARG A 140 -9.84 6.38 13.47
C ARG A 140 -8.96 7.25 14.37
N ASP A 141 -7.74 6.78 14.65
CA ASP A 141 -6.76 7.47 15.49
C ASP A 141 -5.94 8.52 14.74
N GLY A 142 -6.16 8.68 13.45
CA GLY A 142 -5.40 9.68 12.75
C GLY A 142 -4.33 9.12 11.85
N VAL A 143 -4.36 7.83 11.56
CA VAL A 143 -3.35 7.28 10.66
C VAL A 143 -4.00 7.12 9.32
N LEU A 144 -3.57 7.93 8.35
CA LEU A 144 -4.10 7.93 7.00
C LEU A 144 -3.32 6.95 6.13
N LEU A 145 -3.95 5.80 5.89
CA LEU A 145 -3.36 4.74 5.09
C LEU A 145 -3.83 5.04 3.66
N LEU A 146 -2.99 5.73 2.90
CA LEU A 146 -3.35 6.18 1.56
C LEU A 146 -2.54 5.63 0.38
N ASN A 147 -3.21 4.96 -0.56
CA ASN A 147 -2.56 4.42 -1.74
C ASN A 147 -2.47 5.57 -2.74
N THR A 148 -1.55 5.46 -3.67
CA THR A 148 -1.43 6.48 -4.67
C THR A 148 -2.27 6.08 -5.91
N THR A 149 -2.61 4.80 -6.03
CA THR A 149 -3.48 4.31 -7.10
C THR A 149 -4.64 3.72 -6.34
N LEU A 150 -5.79 4.36 -6.48
CA LEU A 150 -6.94 3.97 -5.73
C LEU A 150 -7.76 2.78 -6.20
N THR A 151 -7.63 2.39 -7.47
CA THR A 151 -8.43 1.28 -7.98
C THR A 151 -7.55 0.34 -8.77
N VAL A 152 -8.06 -0.87 -8.97
CA VAL A 152 -7.36 -1.92 -9.70
C VAL A 152 -8.41 -2.85 -10.33
N LYS A 153 -8.09 -3.44 -11.47
CA LYS A 153 -9.01 -4.40 -12.08
C LYS A 153 -8.77 -5.74 -11.36
N ARG A 154 -9.86 -6.41 -11.00
CA ARG A 154 -9.76 -7.70 -10.34
C ARG A 154 -8.80 -8.63 -11.09
N GLY A 155 -7.80 -9.14 -10.38
CA GLY A 155 -6.84 -10.05 -10.97
C GLY A 155 -5.69 -9.47 -11.79
N ALA A 156 -5.66 -8.16 -12.02
CA ALA A 156 -4.56 -7.57 -12.79
C ALA A 156 -3.88 -6.51 -11.93
N ALA A 157 -2.62 -6.72 -11.57
CA ALA A 157 -1.94 -5.74 -10.72
C ALA A 157 -1.43 -4.55 -11.51
N ALA A 158 -1.58 -3.36 -10.94
CA ALA A 158 -1.14 -2.12 -11.57
C ALA A 158 -1.89 -1.84 -12.87
N SER A 159 -3.08 -2.41 -12.99
CA SER A 159 -3.88 -2.21 -14.18
C SER A 159 -4.38 -0.77 -14.35
N HIS A 160 -4.70 -0.07 -13.26
CA HIS A 160 -5.16 1.32 -13.37
C HIS A 160 -4.08 2.31 -12.96
N SER A 161 -2.86 1.82 -12.80
CA SER A 161 -1.76 2.65 -12.36
C SER A 161 -1.40 3.83 -13.26
N ARG A 162 -1.91 3.85 -14.50
CA ARG A 162 -1.64 4.91 -15.46
C ARG A 162 -2.83 5.78 -15.82
N ILE A 163 -3.91 5.74 -15.05
CA ILE A 163 -5.06 6.56 -15.38
C ILE A 163 -5.09 7.93 -14.68
N GLY A 164 -4.12 8.17 -13.79
CA GLY A 164 -4.05 9.45 -13.11
C GLY A 164 -4.45 9.60 -11.65
N TRP A 165 -4.61 8.51 -10.93
CA TRP A 165 -4.98 8.58 -9.52
C TRP A 165 -3.89 9.25 -8.68
N ASP A 166 -2.64 9.00 -9.06
CA ASP A 166 -1.49 9.51 -8.33
C ASP A 166 -1.31 11.01 -8.39
N ARG A 167 -1.66 11.62 -9.52
CA ARG A 167 -1.54 13.06 -9.65
C ARG A 167 -2.60 13.67 -8.75
N PHE A 168 -3.72 12.99 -8.64
CA PHE A 168 -4.83 13.45 -7.84
C PHE A 168 -4.50 13.36 -6.36
N VAL A 169 -4.13 12.15 -5.94
CA VAL A 169 -3.80 11.87 -4.55
C VAL A 169 -2.69 12.78 -4.13
N GLY A 170 -1.73 12.99 -5.02
CA GLY A 170 -0.63 13.89 -4.72
C GLY A 170 -1.12 15.29 -4.38
N GLY A 171 -2.06 15.78 -5.19
CA GLY A 171 -2.66 17.09 -4.99
C GLY A 171 -3.28 17.22 -3.62
N VAL A 172 -4.00 16.19 -3.17
CA VAL A 172 -4.60 16.20 -1.84
C VAL A 172 -3.56 16.16 -0.72
N ILE A 173 -2.50 15.37 -0.87
CA ILE A 173 -1.48 15.27 0.16
C ILE A 173 -0.74 16.57 0.25
N ARG A 174 -0.48 17.16 -0.90
CA ARG A 174 0.21 18.44 -0.95
C ARG A 174 -0.55 19.45 -0.11
N ARG A 175 -1.86 19.56 -0.35
CA ARG A 175 -2.67 20.48 0.42
C ARG A 175 -2.69 20.16 1.91
N LEU A 176 -2.82 18.87 2.24
CA LEU A 176 -2.84 18.45 3.64
C LEU A 176 -1.60 18.86 4.42
N ALA A 177 -0.44 18.65 3.80
CA ALA A 177 0.88 18.97 4.36
C ALA A 177 1.07 20.47 4.61
N ALA A 178 0.48 21.28 3.73
CA ALA A 178 0.53 22.73 3.82
C ALA A 178 -0.46 23.20 4.87
N ARG A 179 -1.60 22.55 4.97
CA ARG A 179 -2.56 22.97 5.95
C ARG A 179 -2.22 22.58 7.38
N ARG A 180 -1.57 21.45 7.59
CA ARG A 180 -1.27 21.01 8.95
C ARG A 180 0.19 20.60 9.19
N PRO A 181 1.01 21.52 9.69
CA PRO A 181 2.42 21.23 9.96
C PRO A 181 2.60 20.21 11.10
N GLY A 182 3.67 19.42 11.04
CA GLY A 182 3.90 18.44 12.07
C GLY A 182 3.31 17.07 11.82
N LEU A 183 3.19 16.65 10.57
CA LEU A 183 2.66 15.32 10.23
C LEU A 183 3.88 14.41 10.16
N VAL A 184 3.68 13.13 10.45
CA VAL A 184 4.76 12.17 10.36
C VAL A 184 4.44 11.43 9.08
N PHE A 185 5.42 11.23 8.21
CA PHE A 185 5.20 10.46 6.97
C PHE A 185 6.06 9.20 7.00
N MET A 186 5.47 8.04 6.77
CA MET A 186 6.23 6.78 6.72
C MET A 186 6.23 6.37 5.24
N LEU A 187 7.38 6.47 4.59
CA LEU A 187 7.51 6.14 3.18
C LEU A 187 8.30 4.85 3.03
N TRP A 188 7.62 3.78 2.63
CA TRP A 188 8.23 2.45 2.49
C TRP A 188 8.51 1.98 1.06
N GLY A 189 9.79 1.81 0.75
CA GLY A 189 10.16 1.40 -0.60
C GLY A 189 10.48 2.62 -1.43
N THR A 190 11.33 2.48 -2.44
CA THR A 190 11.71 3.61 -3.26
C THR A 190 10.54 4.25 -3.97
N HIS A 191 9.65 3.44 -4.49
CA HIS A 191 8.51 3.96 -5.21
C HIS A 191 7.74 5.02 -4.39
N ALA A 192 7.43 4.69 -3.13
CA ALA A 192 6.69 5.58 -2.24
C ALA A 192 7.52 6.81 -1.88
N GLN A 193 8.81 6.61 -1.74
CA GLN A 193 9.72 7.69 -1.40
C GLN A 193 9.81 8.71 -2.54
N ASN A 194 9.83 8.23 -3.79
CA ASN A 194 9.92 9.12 -4.95
C ASN A 194 8.59 9.76 -5.27
N ALA A 195 7.52 9.16 -4.78
CA ALA A 195 6.19 9.66 -5.07
C ALA A 195 5.78 10.87 -4.23
N ILE A 196 6.07 10.82 -2.95
CA ILE A 196 5.69 11.87 -2.01
C ILE A 196 6.96 12.49 -1.47
N ARG A 197 7.09 13.80 -1.67
CA ARG A 197 8.26 14.53 -1.20
C ARG A 197 7.88 15.67 -0.24
N PRO A 198 7.41 15.36 0.98
CA PRO A 198 7.02 16.41 1.92
C PRO A 198 8.22 17.22 2.46
N ASP A 199 7.96 18.46 2.90
CA ASP A 199 9.02 19.32 3.43
C ASP A 199 9.57 18.67 4.68
N PRO A 200 10.87 18.41 4.74
CA PRO A 200 11.37 17.77 5.95
C PRO A 200 11.70 18.72 7.09
N ARG A 201 11.52 20.02 6.89
CA ARG A 201 11.78 20.98 7.98
C ARG A 201 10.51 21.22 8.78
N VAL A 202 9.38 20.94 8.14
CA VAL A 202 8.06 21.10 8.71
C VAL A 202 7.46 19.78 9.22
N HIS A 203 7.82 18.65 8.58
CA HIS A 203 7.31 17.32 8.92
C HIS A 203 8.40 16.32 9.14
N CYS A 204 8.07 15.25 9.87
CA CYS A 204 8.98 14.12 10.17
C CYS A 204 8.84 13.12 9.02
N VAL A 205 9.80 13.09 8.11
CA VAL A 205 9.74 12.15 7.00
C VAL A 205 10.60 10.90 7.31
N LEU A 206 9.95 9.75 7.51
CA LEU A 206 10.62 8.51 7.81
C LEU A 206 10.61 7.59 6.59
N LYS A 207 11.77 7.12 6.21
CA LYS A 207 11.95 6.25 5.06
C LYS A 207 12.46 4.87 5.44
N PHE A 208 12.09 3.84 4.67
CA PHE A 208 12.55 2.48 4.95
C PHE A 208 12.30 1.66 3.69
N SER A 209 12.81 0.44 3.72
CA SER A 209 12.63 -0.51 2.62
C SER A 209 11.20 -1.08 2.76
N HIS A 210 10.64 -1.52 1.64
CA HIS A 210 9.28 -2.04 1.62
C HIS A 210 9.11 -3.17 2.61
N PRO A 211 7.88 -3.35 3.15
CA PRO A 211 7.64 -4.41 4.11
C PRO A 211 7.64 -5.78 3.43
N SER A 212 7.69 -5.81 2.10
CA SER A 212 7.67 -7.06 1.37
C SER A 212 8.72 -8.00 1.90
N PRO A 213 8.47 -9.31 1.80
CA PRO A 213 9.47 -10.25 2.31
C PRO A 213 10.71 -10.33 1.43
N LEU A 214 10.69 -9.75 0.22
CA LEU A 214 11.86 -9.84 -0.64
C LEU A 214 12.94 -8.89 -0.22
N SER A 215 12.53 -7.81 0.43
CA SER A 215 13.46 -6.77 0.88
C SER A 215 14.70 -7.31 1.58
N LYS A 216 15.83 -6.69 1.27
CA LYS A 216 17.11 -7.09 1.85
C LYS A 216 17.12 -6.98 3.38
N VAL A 217 16.48 -5.95 3.91
CA VAL A 217 16.42 -5.74 5.36
C VAL A 217 15.09 -6.18 5.97
N PRO A 218 15.12 -7.08 6.96
CA PRO A 218 13.83 -7.47 7.51
C PRO A 218 13.09 -6.30 8.13
N PHE A 219 11.87 -6.10 7.65
CA PHE A 219 11.01 -5.01 8.12
C PHE A 219 10.70 -5.11 9.60
N GLY A 220 10.80 -6.31 10.15
CA GLY A 220 10.52 -6.45 11.57
C GLY A 220 11.50 -5.66 12.41
N THR A 221 12.55 -5.11 11.79
CA THR A 221 13.54 -4.30 12.48
C THR A 221 13.28 -2.79 12.35
N CYS A 222 12.17 -2.44 11.70
CA CYS A 222 11.78 -1.06 11.48
C CYS A 222 11.23 -0.45 12.79
N GLN A 223 11.75 0.72 13.17
CA GLN A 223 11.28 1.33 14.38
C GLN A 223 10.49 2.60 14.20
N HIS A 224 9.91 2.76 13.03
CA HIS A 224 9.10 3.93 12.69
C HIS A 224 7.97 4.22 13.66
N PHE A 225 7.31 3.19 14.14
CA PHE A 225 6.19 3.34 15.07
C PHE A 225 6.66 3.95 16.41
N LEU A 226 7.90 3.67 16.77
CA LEU A 226 8.49 4.17 17.99
C LEU A 226 8.94 5.64 17.81
N VAL A 227 9.59 5.93 16.68
CA VAL A 227 10.08 7.26 16.34
C VAL A 227 8.91 8.22 16.11
N ALA A 228 7.86 7.74 15.44
CA ALA A 228 6.67 8.53 15.19
C ALA A 228 6.13 9.02 16.50
N ASN A 229 5.93 8.12 17.45
CA ASN A 229 5.40 8.50 18.76
C ASN A 229 6.33 9.43 19.56
N ARG A 230 7.65 9.21 19.46
CA ARG A 230 8.61 10.02 20.19
C ARG A 230 8.52 11.43 19.65
N TYR A 231 8.24 11.55 18.36
CA TYR A 231 8.07 12.85 17.71
C TYR A 231 6.79 13.56 18.15
N LEU A 232 5.68 12.83 18.16
CA LEU A 232 4.39 13.35 18.55
C LEU A 232 4.47 13.85 19.97
N GLU A 233 5.27 13.19 20.79
CA GLU A 233 5.51 13.58 22.18
C GLU A 233 6.13 14.99 22.26
N THR A 234 7.02 15.30 21.33
CA THR A 234 7.68 16.60 21.37
C THR A 234 6.80 17.73 20.88
N ARG A 235 5.82 17.41 20.05
CA ARG A 235 4.90 18.45 19.58
C ARG A 235 3.64 18.54 20.47
N SER A 236 3.61 17.76 21.55
CA SER A 236 2.51 17.69 22.55
C SER A 236 1.24 16.96 22.07
N ILE A 237 1.39 16.13 21.06
CA ILE A 237 0.29 15.38 20.51
C ILE A 237 0.43 14.03 21.14
N SER A 238 -0.68 13.38 21.46
CA SER A 238 -0.54 12.07 22.10
C SER A 238 -0.16 10.99 21.13
N PRO A 239 0.54 9.95 21.62
CA PRO A 239 1.00 8.85 20.80
C PRO A 239 -0.15 7.95 20.34
N ILE A 240 0.06 7.33 19.19
CA ILE A 240 -0.91 6.44 18.61
C ILE A 240 -0.73 5.08 19.27
N ASP A 241 -1.84 4.39 19.52
CA ASP A 241 -1.80 3.05 20.10
C ASP A 241 -1.73 2.15 18.86
N TRP A 242 -0.57 1.58 18.61
CA TRP A 242 -0.35 0.79 17.41
C TRP A 242 -0.93 -0.59 17.42
N SER A 243 -1.37 -1.07 18.59
CA SER A 243 -1.94 -2.40 18.68
C SER A 243 -3.20 -2.49 17.82
N VAL A 244 -3.37 -3.61 17.14
CA VAL A 244 -4.49 -3.82 16.27
C VAL A 244 -4.70 -5.33 16.16
N THR B 1 -4.97 -17.97 -13.54
CA THR B 1 -4.35 -18.21 -14.88
C THR B 1 -2.87 -17.78 -14.86
N ASN B 2 -2.24 -17.85 -16.03
CA ASN B 2 -0.84 -17.48 -16.23
C ASN B 2 0.03 -17.54 -14.98
N LEU B 3 0.17 -16.39 -14.32
CA LEU B 3 1.02 -16.27 -13.14
C LEU B 3 0.91 -17.36 -12.10
N SER B 4 -0.29 -17.64 -11.61
CA SER B 4 -0.44 -18.70 -10.63
C SER B 4 -0.04 -20.06 -11.21
N ASP B 5 -0.36 -20.28 -12.48
CA ASP B 5 -0.01 -21.54 -13.12
C ASP B 5 1.49 -21.70 -13.10
N ILE B 6 2.20 -20.61 -13.31
CA ILE B 6 3.65 -20.66 -13.29
C ILE B 6 4.14 -21.15 -11.94
N ILE B 7 3.58 -20.59 -10.88
CA ILE B 7 3.99 -21.00 -9.54
C ILE B 7 3.80 -22.50 -9.37
N GLU B 8 2.69 -23.02 -9.89
CA GLU B 8 2.44 -24.44 -9.80
C GLU B 8 3.43 -25.23 -10.65
N LYS B 9 3.64 -24.83 -11.89
CA LYS B 9 4.59 -25.53 -12.75
C LYS B 9 5.97 -25.54 -12.09
N GLU B 10 6.31 -24.48 -11.38
CA GLU B 10 7.61 -24.38 -10.76
C GLU B 10 7.72 -25.01 -9.37
N THR B 11 6.64 -24.99 -8.61
CA THR B 11 6.68 -25.52 -7.25
C THR B 11 5.80 -26.75 -7.07
N GLY B 12 4.80 -26.88 -7.92
CA GLY B 12 3.87 -27.99 -7.83
C GLY B 12 2.64 -27.57 -7.04
N LYS B 13 2.84 -26.64 -6.11
CA LYS B 13 1.77 -26.15 -5.26
C LYS B 13 0.77 -25.23 -5.94
N GLN B 14 -0.49 -25.31 -5.54
CA GLN B 14 -1.49 -24.43 -6.12
C GLN B 14 -1.61 -23.24 -5.15
N LEU B 15 -0.73 -22.27 -5.32
CA LEU B 15 -0.74 -21.11 -4.45
C LEU B 15 -1.44 -19.88 -5.03
N VAL B 16 -2.08 -19.13 -4.16
CA VAL B 16 -2.80 -17.95 -4.55
C VAL B 16 -1.99 -16.73 -4.25
N ILE B 17 -1.73 -15.92 -5.27
CA ILE B 17 -0.96 -14.68 -5.09
C ILE B 17 -1.76 -13.74 -4.19
N GLN B 18 -1.13 -13.24 -3.14
CA GLN B 18 -1.83 -12.37 -2.20
C GLN B 18 -1.66 -10.87 -2.31
N GLU B 19 -0.54 -10.44 -2.92
CA GLU B 19 -0.20 -9.03 -3.11
C GLU B 19 0.80 -8.95 -4.23
N SER B 20 0.89 -7.79 -4.86
CA SER B 20 1.85 -7.57 -5.93
C SER B 20 2.46 -6.22 -5.63
N ILE B 21 3.73 -6.21 -5.30
CA ILE B 21 4.44 -5.00 -4.93
C ILE B 21 5.40 -4.55 -6.02
N LEU B 22 5.39 -3.26 -6.33
CA LEU B 22 6.29 -2.72 -7.33
C LEU B 22 7.61 -2.31 -6.74
N MET B 23 8.69 -2.84 -7.26
CA MET B 23 10.04 -2.49 -6.82
C MET B 23 10.88 -2.05 -8.00
N LEU B 24 11.81 -1.14 -7.75
CA LEU B 24 12.72 -0.63 -8.78
C LEU B 24 13.94 -1.55 -8.82
N PRO B 25 14.55 -1.70 -10.00
CA PRO B 25 15.73 -2.55 -10.24
C PRO B 25 16.81 -2.49 -9.15
N GLU B 26 17.00 -1.33 -8.55
CA GLU B 26 18.00 -1.20 -7.50
C GLU B 26 17.60 -1.92 -6.21
N GLU B 27 16.30 -1.90 -5.88
CA GLU B 27 15.79 -2.55 -4.68
C GLU B 27 15.88 -4.06 -4.80
N VAL B 28 15.71 -4.52 -6.04
CA VAL B 28 15.75 -5.92 -6.42
C VAL B 28 17.21 -6.38 -6.58
N GLU B 29 17.98 -5.67 -7.42
CA GLU B 29 19.39 -5.98 -7.71
C GLU B 29 20.12 -6.37 -6.46
N GLU B 30 19.73 -5.71 -5.39
CA GLU B 30 20.25 -5.87 -4.03
C GLU B 30 20.11 -7.27 -3.40
N VAL B 31 19.06 -7.99 -3.83
CA VAL B 31 18.70 -9.31 -3.33
C VAL B 31 18.92 -10.48 -4.31
N ILE B 32 18.38 -10.33 -5.51
CA ILE B 32 18.49 -11.37 -6.54
C ILE B 32 19.92 -11.51 -7.05
N GLY B 33 20.68 -10.44 -6.99
CA GLY B 33 22.04 -10.49 -7.48
C GLY B 33 22.11 -9.84 -8.85
N ASN B 34 21.12 -10.10 -9.70
CA ASN B 34 21.12 -9.50 -11.03
C ASN B 34 20.21 -8.30 -11.00
N LYS B 35 20.41 -7.40 -11.95
CA LYS B 35 19.61 -6.19 -12.03
C LYS B 35 18.64 -6.37 -13.20
N PRO B 36 17.33 -6.24 -12.95
CA PRO B 36 16.41 -6.41 -14.08
C PRO B 36 16.49 -5.18 -14.99
N GLU B 37 15.92 -5.25 -16.17
CA GLU B 37 15.98 -4.10 -17.08
C GLU B 37 15.02 -3.01 -16.64
N SER B 38 13.85 -3.40 -16.16
CA SER B 38 12.82 -2.46 -15.74
C SER B 38 12.34 -2.69 -14.31
N ASP B 39 11.18 -2.13 -14.00
CA ASP B 39 10.58 -2.23 -12.68
C ASP B 39 9.97 -3.60 -12.54
N ILE B 40 10.12 -4.14 -11.33
CA ILE B 40 9.63 -5.45 -11.01
C ILE B 40 8.38 -5.48 -10.15
N LEU B 41 7.42 -6.33 -10.53
CA LEU B 41 6.20 -6.56 -9.75
C LEU B 41 6.52 -7.89 -9.01
N VAL B 42 6.62 -7.83 -7.70
CA VAL B 42 6.89 -9.03 -6.90
C VAL B 42 5.54 -9.59 -6.47
N HIS B 43 5.13 -10.73 -7.03
CA HIS B 43 3.84 -11.33 -6.64
C HIS B 43 4.12 -12.35 -5.56
N THR B 44 3.53 -12.14 -4.40
CA THR B 44 3.82 -13.02 -3.28
C THR B 44 2.65 -13.84 -2.77
N ALA B 45 2.94 -15.11 -2.57
CA ALA B 45 1.99 -16.05 -2.06
C ALA B 45 2.67 -16.67 -0.87
N TYR B 46 1.91 -17.33 -0.04
CA TYR B 46 2.47 -17.95 1.13
C TYR B 46 2.02 -19.39 1.25
N ASP B 47 2.97 -20.32 1.28
CA ASP B 47 2.67 -21.72 1.44
C ASP B 47 2.73 -22.03 2.92
N GLU B 48 1.60 -21.92 3.61
CA GLU B 48 1.53 -22.16 5.05
C GLU B 48 2.05 -23.49 5.54
N SER B 49 1.90 -24.53 4.73
CA SER B 49 2.36 -25.84 5.13
C SER B 49 3.85 -25.78 5.45
N THR B 50 4.63 -25.47 4.43
CA THR B 50 6.06 -25.36 4.56
C THR B 50 6.45 -24.02 5.19
N ASP B 51 5.48 -23.12 5.33
CA ASP B 51 5.69 -21.80 5.91
C ASP B 51 6.73 -21.00 5.09
N GLU B 52 6.59 -21.03 3.77
CA GLU B 52 7.49 -20.33 2.88
C GLU B 52 6.72 -19.25 2.10
N ASN B 53 7.43 -18.20 1.71
CA ASN B 53 6.83 -17.13 0.91
C ASN B 53 7.28 -17.40 -0.52
N VAL B 54 6.34 -17.66 -1.42
CA VAL B 54 6.73 -17.91 -2.80
C VAL B 54 6.52 -16.62 -3.57
N MET B 55 7.61 -16.02 -4.04
CA MET B 55 7.51 -14.78 -4.78
C MET B 55 7.85 -14.94 -6.24
N LEU B 56 6.91 -14.61 -7.11
CA LEU B 56 7.09 -14.67 -8.56
C LEU B 56 7.31 -13.24 -9.06
N LEU B 57 8.57 -12.88 -9.36
CA LEU B 57 8.89 -11.52 -9.85
C LEU B 57 8.72 -11.39 -11.36
N THR B 58 7.74 -10.61 -11.81
CA THR B 58 7.54 -10.42 -13.25
C THR B 58 7.86 -8.96 -13.57
N SER B 59 7.70 -8.59 -14.83
CA SER B 59 7.92 -7.22 -15.23
C SER B 59 6.58 -6.54 -14.94
N ASP B 60 6.59 -5.22 -15.05
CA ASP B 60 5.43 -4.39 -14.79
C ASP B 60 4.25 -4.67 -15.74
N ALA B 61 3.07 -4.20 -15.33
CA ALA B 61 1.88 -4.32 -16.14
C ALA B 61 2.13 -3.50 -17.42
N PRO B 62 1.51 -3.88 -18.54
CA PRO B 62 0.58 -4.99 -18.74
C PRO B 62 1.29 -6.23 -19.25
N GLU B 63 2.62 -6.15 -19.31
CA GLU B 63 3.40 -7.24 -19.84
C GLU B 63 3.39 -8.38 -18.83
N TYR B 64 3.85 -8.15 -17.62
CA TYR B 64 3.91 -9.19 -16.57
C TYR B 64 4.77 -10.40 -16.96
N LYS B 65 5.87 -10.15 -17.66
CA LYS B 65 6.75 -11.22 -18.10
C LYS B 65 7.56 -11.77 -16.95
N PRO B 66 7.51 -13.09 -16.71
CA PRO B 66 8.22 -13.80 -15.64
C PRO B 66 9.73 -13.59 -15.78
N TRP B 67 10.38 -13.20 -14.69
CA TRP B 67 11.82 -12.93 -14.66
C TRP B 67 12.61 -13.80 -13.69
N ALA B 68 12.06 -14.06 -12.50
CA ALA B 68 12.74 -14.86 -11.50
C ALA B 68 11.70 -15.38 -10.55
N LEU B 69 11.99 -16.52 -9.91
CA LEU B 69 11.10 -17.10 -8.92
C LEU B 69 11.94 -17.15 -7.66
N VAL B 70 11.37 -16.76 -6.52
CA VAL B 70 12.11 -16.78 -5.27
C VAL B 70 11.32 -17.44 -4.15
N ILE B 71 11.92 -18.48 -3.54
CA ILE B 71 11.31 -19.19 -2.41
C ILE B 71 12.15 -18.83 -1.19
N GLN B 72 11.51 -18.30 -0.17
CA GLN B 72 12.20 -17.91 1.04
C GLN B 72 11.67 -18.75 2.20
N ASP B 73 12.56 -19.38 2.96
CA ASP B 73 12.11 -20.23 4.06
C ASP B 73 11.85 -19.48 5.35
N SER B 74 11.27 -20.17 6.31
CA SER B 74 10.93 -19.60 7.61
C SER B 74 12.09 -18.86 8.23
N ASN B 75 13.31 -19.20 7.83
CA ASN B 75 14.48 -18.53 8.40
C ASN B 75 15.04 -17.41 7.49
N GLY B 76 14.21 -16.94 6.57
CA GLY B 76 14.60 -15.86 5.70
C GLY B 76 15.55 -16.18 4.57
N GLU B 77 15.97 -17.44 4.48
CA GLU B 77 16.89 -17.87 3.43
C GLU B 77 16.16 -18.03 2.09
N ASN B 78 16.73 -17.47 1.04
CA ASN B 78 16.15 -17.53 -0.29
C ASN B 78 16.67 -18.62 -1.21
N LYS B 79 15.83 -19.05 -2.15
CA LYS B 79 16.22 -20.02 -3.14
C LYS B 79 15.74 -19.29 -4.36
N ILE B 80 16.68 -18.79 -5.15
CA ILE B 80 16.41 -18.01 -6.36
C ILE B 80 16.52 -18.85 -7.63
N LYS B 81 15.53 -18.73 -8.50
CA LYS B 81 15.54 -19.46 -9.77
C LYS B 81 15.14 -18.52 -10.89
N MET B 82 16.12 -18.10 -11.68
CA MET B 82 15.92 -17.22 -12.81
C MET B 82 15.15 -17.98 -13.86
N LEU B 83 14.03 -17.43 -14.29
CA LEU B 83 13.17 -18.02 -15.30
C LEU B 83 13.45 -17.30 -16.62
#